data_7TNB
#
_entry.id   7TNB
#
_cell.length_a   46.470
_cell.length_b   104.175
_cell.length_c   144.328
_cell.angle_alpha   90.000
_cell.angle_beta   90.000
_cell.angle_gamma   90.000
#
_symmetry.space_group_name_H-M   'C 2 2 21'
#
loop_
_entity.id
_entity.type
_entity.pdbx_description
1 polymer 'NADH:flavin oxidoreductase/NADH oxidase'
2 non-polymer 'SULFATE ION'
3 non-polymer 'ACETATE ION'
4 non-polymer 'FLAVIN MONONUCLEOTIDE'
5 water water
#
_entity_poly.entity_id   1
_entity_poly.type   'polypeptide(L)'
_entity_poly.pdbx_seq_one_letter_code
;MPNLFDPLRVGDLNLPNRVVMAPLTRLRAGPTHIPNALMAEYYGQRASAGLLITEGVPVAPQGVGYAGVPGIWSKEQTEG
WKQVTKAVHDKGGRIFMQIWHVGRISDPELLNGELPIAPSAIAAKGHVSLLRPQRDYPTPRALSTEEVAGVVEAFRQGAE
NAQAAGFDGVQLHGANGYLLDQFLQDGSNQRTDQYGGSIENRARLLLEAADAAISVWGADRVGVHLAPRADSHSMGDSNL
AATFGHVAKALGERKIGFVSAREYEAADSLGPDLKKAFGGVYIANEKFDLASANAAIEAGKADAIAFGKAYIANPDLVER
LKAGAALNTPDPATFYGFENGPRGYTDYPTLAQVREPALEHHHHHH
;
_entity_poly.pdbx_strand_id   AAA
#
loop_
_chem_comp.id
_chem_comp.type
_chem_comp.name
_chem_comp.formula
ACT non-polymer 'ACETATE ION' 'C2 H3 O2 -1'
FMN non-polymer 'FLAVIN MONONUCLEOTIDE' 'C17 H21 N4 O9 P'
SO4 non-polymer 'SULFATE ION' 'O4 S -2'
#
# COMPACT_ATOMS: atom_id res chain seq x y z
N PRO A 2 24.53 8.06 1.65
CA PRO A 2 24.26 7.21 0.49
C PRO A 2 23.45 7.93 -0.58
N ASN A 3 23.30 7.29 -1.74
CA ASN A 3 22.44 7.74 -2.85
C ASN A 3 21.45 6.63 -3.21
N LEU A 4 20.58 6.92 -4.19
CA LEU A 4 19.48 6.04 -4.62
C LEU A 4 20.01 4.68 -5.07
N PHE A 5 21.27 4.58 -5.50
CA PHE A 5 21.79 3.34 -6.14
C PHE A 5 22.56 2.50 -5.13
N ASP A 6 22.74 3.02 -3.92
CA ASP A 6 23.50 2.28 -2.89
C ASP A 6 22.56 1.19 -2.34
N PRO A 7 23.08 0.00 -2.01
CA PRO A 7 22.28 -1.03 -1.36
C PRO A 7 21.77 -0.59 0.02
N LEU A 8 20.75 -1.27 0.51
CA LEU A 8 20.13 -0.99 1.81
C LEU A 8 19.56 -2.30 2.33
N ARG A 9 19.89 -2.61 3.59
CA ARG A 9 19.23 -3.73 4.30
C ARG A 9 17.89 -3.22 4.87
N VAL A 10 16.83 -3.96 4.58
CA VAL A 10 15.45 -3.63 5.01
C VAL A 10 14.89 -4.93 5.59
N GLY A 11 14.76 -4.97 6.90
CA GLY A 11 14.30 -6.20 7.58
C GLY A 11 15.26 -7.34 7.27
N ASP A 12 14.78 -8.43 6.69
CA ASP A 12 15.67 -9.58 6.36
C ASP A 12 16.15 -9.53 4.91
N LEU A 13 16.05 -8.41 4.19
CA LEU A 13 16.43 -8.37 2.76
C LEU A 13 17.56 -7.36 2.56
N ASN A 14 18.45 -7.70 1.63
CA ASN A 14 19.45 -6.73 1.12
C ASN A 14 18.88 -6.23 -0.20
N LEU A 15 18.46 -4.99 -0.24
CA LEU A 15 18.00 -4.36 -1.50
C LEU A 15 19.26 -3.94 -2.24
N PRO A 16 19.39 -4.25 -3.54
CA PRO A 16 20.58 -3.85 -4.30
C PRO A 16 20.59 -2.35 -4.64
N ASN A 17 19.46 -1.69 -4.45
CA ASN A 17 19.29 -0.24 -4.72
C ASN A 17 18.09 0.24 -3.93
N ARG A 18 17.90 1.56 -3.85
CA ARG A 18 16.87 2.15 -2.97
C ARG A 18 15.68 2.65 -3.81
N VAL A 19 15.52 2.12 -5.00
CA VAL A 19 14.36 2.42 -5.86
C VAL A 19 13.27 1.40 -5.51
N VAL A 20 12.15 1.90 -5.03
CA VAL A 20 11.02 1.02 -4.62
C VAL A 20 9.87 1.24 -5.60
N MET A 21 9.19 0.16 -5.94
CA MET A 21 7.91 0.33 -6.65
C MET A 21 6.80 0.54 -5.59
N ALA A 22 6.19 1.72 -5.66
CA ALA A 22 5.01 2.09 -4.85
C ALA A 22 3.84 1.17 -5.20
N PRO A 23 2.93 0.96 -4.23
CA PRO A 23 1.73 0.17 -4.46
C PRO A 23 0.80 0.89 -5.44
N LEU A 24 0.38 0.17 -6.46
CA LEU A 24 -0.42 0.77 -7.56
C LEU A 24 -1.58 -0.14 -7.98
N THR A 25 -2.79 0.28 -7.61
CA THR A 25 -4.04 -0.36 -8.07
C THR A 25 -4.12 -0.21 -9.59
N ARG A 26 -4.29 -1.32 -10.28
CA ARG A 26 -4.42 -1.34 -11.76
C ARG A 26 -5.70 -2.06 -12.21
N LEU A 27 -6.34 -2.87 -11.37
CA LEU A 27 -7.61 -3.58 -11.68
C LEU A 27 -7.44 -4.51 -12.90
N ARG A 28 -6.31 -5.22 -13.03
CA ARG A 28 -6.11 -6.09 -14.20
C ARG A 28 -6.50 -7.52 -13.83
N ALA A 29 -7.04 -7.77 -12.63
CA ALA A 29 -7.48 -9.13 -12.25
C ALA A 29 -8.88 -9.40 -12.80
N GLY A 30 -9.76 -8.41 -12.74
CA GLY A 30 -11.12 -8.58 -13.27
C GLY A 30 -12.04 -9.22 -12.23
N PRO A 31 -13.28 -9.55 -12.64
CA PRO A 31 -14.33 -9.89 -11.68
C PRO A 31 -14.09 -11.18 -10.88
N THR A 32 -13.23 -12.10 -11.33
CA THR A 32 -12.91 -13.31 -10.52
C THR A 32 -11.96 -12.93 -9.37
N HIS A 33 -11.27 -11.78 -9.47
CA HIS A 33 -10.28 -11.38 -8.43
C HIS A 33 -9.06 -12.30 -8.39
N ILE A 34 -8.92 -13.19 -9.37
N ILE A 34 -8.88 -13.18 -9.37
CA ILE A 34 -7.78 -14.16 -9.42
CA ILE A 34 -7.77 -14.18 -9.35
C ILE A 34 -6.64 -13.49 -10.15
C ILE A 34 -6.61 -13.64 -10.18
N PRO A 35 -5.41 -13.47 -9.61
CA PRO A 35 -4.28 -12.95 -10.37
C PRO A 35 -3.96 -13.82 -11.59
N ASN A 36 -3.43 -13.18 -12.63
CA ASN A 36 -3.24 -13.85 -13.94
C ASN A 36 -1.80 -13.67 -14.42
N ALA A 37 -1.51 -14.26 -15.57
CA ALA A 37 -0.13 -14.32 -16.10
C ALA A 37 0.30 -12.91 -16.53
N LEU A 38 -0.63 -12.04 -16.88
CA LEU A 38 -0.28 -10.64 -17.30
C LEU A 38 0.21 -9.85 -16.08
N MET A 39 -0.44 -10.05 -14.94
CA MET A 39 0.01 -9.43 -13.68
C MET A 39 1.38 -9.98 -13.32
N ALA A 40 1.63 -11.29 -13.44
CA ALA A 40 2.96 -11.91 -13.21
C ALA A 40 3.99 -11.25 -14.12
N GLU A 41 3.69 -11.09 -15.40
CA GLU A 41 4.64 -10.45 -16.34
C GLU A 41 4.93 -9.01 -15.90
N TYR A 42 3.90 -8.30 -15.53
CA TYR A 42 3.99 -6.87 -15.12
C TYR A 42 4.97 -6.67 -13.97
N TYR A 43 4.85 -7.44 -12.90
CA TYR A 43 5.78 -7.32 -11.76
C TYR A 43 7.16 -7.84 -12.17
N GLY A 44 7.24 -8.90 -12.98
CA GLY A 44 8.54 -9.42 -13.43
C GLY A 44 9.27 -8.36 -14.25
N GLN A 45 8.53 -7.59 -15.04
CA GLN A 45 9.11 -6.47 -15.86
C GLN A 45 9.86 -5.44 -14.98
N ARG A 46 9.51 -5.33 -13.71
CA ARG A 46 9.93 -4.23 -12.82
C ARG A 46 10.88 -4.79 -11.77
N ALA A 47 11.26 -6.06 -11.89
CA ALA A 47 12.01 -6.79 -10.83
C ALA A 47 13.41 -6.24 -10.59
N SER A 48 13.92 -5.32 -11.42
CA SER A 48 15.22 -4.68 -11.13
C SER A 48 15.07 -3.66 -9.98
N ALA A 49 13.85 -3.32 -9.59
CA ALA A 49 13.58 -2.49 -8.39
C ALA A 49 14.33 -3.07 -7.17
N GLY A 50 14.79 -2.21 -6.27
CA GLY A 50 15.27 -2.65 -4.96
C GLY A 50 14.22 -3.48 -4.25
N LEU A 51 12.97 -3.01 -4.28
CA LEU A 51 11.83 -3.73 -3.69
C LEU A 51 10.57 -3.36 -4.47
N LEU A 52 9.71 -4.35 -4.71
CA LEU A 52 8.39 -4.15 -5.29
C LEU A 52 7.37 -4.24 -4.17
N ILE A 53 6.39 -3.37 -4.23
CA ILE A 53 5.15 -3.44 -3.41
CA ILE A 53 5.16 -3.52 -3.41
C ILE A 53 3.98 -3.65 -4.37
N THR A 54 3.13 -4.64 -4.12
CA THR A 54 1.95 -4.84 -4.98
C THR A 54 0.95 -3.69 -4.83
N GLU A 55 0.10 -3.56 -5.84
CA GLU A 55 -1.26 -2.98 -5.72
C GLU A 55 -1.90 -3.41 -4.40
N GLY A 56 -2.74 -2.54 -3.84
CA GLY A 56 -3.56 -2.93 -2.69
C GLY A 56 -4.32 -4.22 -2.99
N VAL A 57 -4.37 -5.10 -2.02
CA VAL A 57 -5.07 -6.41 -2.21
C VAL A 57 -6.03 -6.55 -1.04
N PRO A 58 -7.36 -6.45 -1.29
CA PRO A 58 -8.32 -6.64 -0.21
C PRO A 58 -8.22 -8.03 0.45
N VAL A 59 -8.29 -8.00 1.78
CA VAL A 59 -8.18 -9.23 2.61
C VAL A 59 -9.53 -9.90 2.75
N ALA A 60 -10.61 -9.31 2.25
CA ALA A 60 -11.97 -9.87 2.36
C ALA A 60 -12.83 -9.22 1.31
N PRO A 61 -13.96 -9.86 0.88
CA PRO A 61 -14.86 -9.20 -0.06
C PRO A 61 -15.38 -7.84 0.47
N GLN A 62 -15.52 -7.71 1.81
CA GLN A 62 -15.99 -6.49 2.51
C GLN A 62 -14.99 -5.35 2.29
N GLY A 63 -13.73 -5.69 1.94
CA GLY A 63 -12.67 -4.68 1.76
C GLY A 63 -12.50 -4.25 0.32
N VAL A 64 -13.38 -4.69 -0.57
CA VAL A 64 -13.33 -4.34 -2.02
C VAL A 64 -13.88 -2.93 -2.26
N GLY A 65 -13.14 -2.09 -2.98
CA GLY A 65 -13.57 -0.70 -3.28
C GLY A 65 -13.64 -0.42 -4.79
N TYR A 66 -13.21 -1.37 -5.62
CA TYR A 66 -13.02 -1.16 -7.09
C TYR A 66 -13.33 -2.47 -7.80
N ALA A 67 -13.92 -2.36 -8.99
CA ALA A 67 -14.22 -3.51 -9.85
C ALA A 67 -12.86 -3.99 -10.42
N GLY A 68 -12.57 -5.27 -10.30
CA GLY A 68 -11.43 -5.87 -11.01
C GLY A 68 -10.20 -6.01 -10.14
N VAL A 69 -10.31 -5.65 -8.86
CA VAL A 69 -9.21 -5.82 -7.87
CA VAL A 69 -9.18 -5.81 -7.90
C VAL A 69 -8.89 -7.30 -7.72
N PRO A 70 -7.62 -7.67 -7.46
CA PRO A 70 -7.33 -9.02 -7.02
C PRO A 70 -7.71 -9.16 -5.54
N GLY A 71 -7.79 -10.40 -5.05
CA GLY A 71 -8.03 -10.70 -3.63
C GLY A 71 -6.91 -11.52 -3.03
N ILE A 72 -6.91 -11.65 -1.71
CA ILE A 72 -5.98 -12.57 -1.00
C ILE A 72 -6.76 -13.36 0.07
N TRP A 73 -8.09 -13.49 -0.07
CA TRP A 73 -8.89 -14.22 0.94
C TRP A 73 -9.03 -15.71 0.56
N SER A 74 -8.83 -16.11 -0.68
CA SER A 74 -9.15 -17.49 -1.13
C SER A 74 -7.89 -18.24 -1.51
N LYS A 75 -8.00 -19.57 -1.50
CA LYS A 75 -6.99 -20.50 -2.03
C LYS A 75 -6.75 -20.26 -3.52
N GLU A 76 -7.80 -20.06 -4.31
CA GLU A 76 -7.62 -19.89 -5.77
C GLU A 76 -6.87 -18.58 -6.02
N GLN A 77 -7.17 -17.54 -5.26
CA GLN A 77 -6.42 -16.26 -5.37
C GLN A 77 -4.96 -16.47 -4.98
N THR A 78 -4.71 -17.10 -3.83
CA THR A 78 -3.34 -17.46 -3.39
C THR A 78 -2.60 -18.19 -4.51
N GLU A 79 -3.22 -19.18 -5.15
CA GLU A 79 -2.58 -19.93 -6.27
C GLU A 79 -2.18 -18.97 -7.41
N GLY A 80 -3.09 -18.10 -7.81
CA GLY A 80 -2.85 -17.07 -8.84
C GLY A 80 -1.70 -16.17 -8.47
N TRP A 81 -1.54 -15.77 -7.20
CA TRP A 81 -0.41 -14.90 -6.79
C TRP A 81 0.92 -15.65 -6.89
N LYS A 82 0.93 -16.98 -6.75
CA LYS A 82 2.18 -17.76 -6.88
C LYS A 82 2.86 -17.46 -8.22
N GLN A 83 2.11 -17.29 -9.29
CA GLN A 83 2.68 -16.94 -10.62
C GLN A 83 3.47 -15.62 -10.50
N VAL A 84 2.94 -14.67 -9.74
CA VAL A 84 3.55 -13.31 -9.59
C VAL A 84 4.85 -13.41 -8.80
N THR A 85 4.84 -14.10 -7.66
CA THR A 85 6.07 -14.20 -6.83
C THR A 85 7.12 -15.03 -7.56
N LYS A 86 6.72 -16.10 -8.28
CA LYS A 86 7.66 -16.88 -9.11
C LYS A 86 8.32 -15.96 -10.15
N ALA A 87 7.53 -15.12 -10.84
CA ALA A 87 8.02 -14.26 -11.91
C ALA A 87 9.08 -13.31 -11.35
N VAL A 88 8.79 -12.74 -10.18
CA VAL A 88 9.70 -11.77 -9.54
C VAL A 88 10.96 -12.49 -9.05
N HIS A 89 10.82 -13.62 -8.38
CA HIS A 89 11.96 -14.39 -7.85
C HIS A 89 12.81 -14.97 -8.99
N ASP A 90 12.22 -15.34 -10.13
CA ASP A 90 12.95 -15.90 -11.29
C ASP A 90 13.83 -14.79 -11.86
N LYS A 91 13.46 -13.51 -11.70
CA LYS A 91 14.30 -12.36 -12.13
C LYS A 91 15.17 -11.77 -11.00
N GLY A 92 15.25 -12.47 -9.87
CA GLY A 92 16.08 -12.11 -8.71
C GLY A 92 15.56 -10.88 -7.99
N GLY A 93 14.26 -10.59 -8.08
CA GLY A 93 13.64 -9.46 -7.37
C GLY A 93 13.08 -9.87 -6.02
N ARG A 94 12.50 -8.87 -5.32
N ARG A 94 12.57 -8.89 -5.25
CA ARG A 94 11.93 -8.98 -3.96
CA ARG A 94 11.88 -9.15 -3.97
C ARG A 94 10.54 -8.32 -4.00
C ARG A 94 10.57 -8.36 -3.98
N ILE A 95 9.54 -8.94 -3.41
CA ILE A 95 8.18 -8.31 -3.46
C ILE A 95 7.42 -8.55 -2.16
N PHE A 96 6.81 -7.48 -1.67
CA PHE A 96 5.82 -7.49 -0.56
C PHE A 96 4.42 -7.34 -1.13
N MET A 97 3.43 -8.00 -0.54
CA MET A 97 2.01 -7.71 -0.86
C MET A 97 1.47 -6.59 0.03
N GLN A 98 0.86 -5.56 -0.60
CA GLN A 98 0.08 -4.55 0.17
C GLN A 98 -1.29 -5.19 0.49
N ILE A 99 -1.56 -5.41 1.77
CA ILE A 99 -2.85 -5.98 2.25
C ILE A 99 -3.73 -4.83 2.75
N TRP A 100 -5.01 -4.91 2.41
CA TRP A 100 -5.92 -3.76 2.30
C TRP A 100 -7.35 -4.05 2.74
N HIS A 101 -7.98 -3.03 3.30
CA HIS A 101 -9.44 -2.98 3.51
C HIS A 101 -9.87 -1.52 3.33
N VAL A 102 -10.74 -1.27 2.37
CA VAL A 102 -11.12 0.11 1.97
C VAL A 102 -12.04 0.76 3.01
N GLY A 103 -12.66 0.00 3.90
CA GLY A 103 -13.69 0.54 4.81
C GLY A 103 -14.73 1.34 4.05
N ARG A 104 -14.96 2.58 4.44
CA ARG A 104 -16.11 3.38 3.95
C ARG A 104 -15.91 3.80 2.49
N ILE A 105 -14.70 3.63 1.91
CA ILE A 105 -14.38 4.09 0.52
C ILE A 105 -14.80 2.97 -0.45
N SER A 106 -16.10 2.80 -0.62
CA SER A 106 -16.70 1.76 -1.51
C SER A 106 -18.19 2.10 -1.72
N ASP A 107 -18.91 1.15 -2.30
CA ASP A 107 -20.28 1.31 -2.82
C ASP A 107 -20.95 -0.04 -2.63
N PRO A 108 -22.23 -0.08 -2.20
CA PRO A 108 -22.89 -1.37 -1.99
C PRO A 108 -22.92 -2.23 -3.26
N GLU A 109 -22.85 -1.63 -4.45
CA GLU A 109 -22.87 -2.42 -5.72
C GLU A 109 -21.59 -3.24 -5.84
N LEU A 110 -20.53 -2.93 -5.06
CA LEU A 110 -19.27 -3.72 -5.07
C LEU A 110 -19.26 -4.72 -3.92
N LEU A 111 -20.28 -4.67 -3.05
CA LEU A 111 -20.29 -5.44 -1.78
C LEU A 111 -21.57 -6.28 -1.73
N ASN A 112 -22.10 -6.70 -2.88
CA ASN A 112 -23.34 -7.52 -2.96
C ASN A 112 -24.49 -6.82 -2.21
N GLY A 113 -24.59 -5.49 -2.33
CA GLY A 113 -25.69 -4.68 -1.77
C GLY A 113 -25.48 -4.31 -0.31
N GLU A 114 -24.39 -4.76 0.31
CA GLU A 114 -24.09 -4.44 1.73
C GLU A 114 -23.49 -3.03 1.80
N LEU A 115 -23.68 -2.34 2.93
CA LEU A 115 -22.97 -1.07 3.20
C LEU A 115 -21.51 -1.37 3.47
N PRO A 116 -20.62 -0.49 2.97
CA PRO A 116 -19.24 -0.43 3.41
C PRO A 116 -19.23 -0.23 4.90
N ILE A 117 -18.14 -0.66 5.54
CA ILE A 117 -17.99 -0.57 7.02
C ILE A 117 -16.92 0.45 7.35
N ALA A 118 -16.96 0.91 8.59
CA ALA A 118 -16.14 2.05 9.09
C ALA A 118 -16.12 1.98 10.61
N PRO A 119 -15.24 2.78 11.23
CA PRO A 119 -15.28 2.94 12.68
C PRO A 119 -16.59 3.64 13.08
N SER A 120 -17.05 4.59 12.26
CA SER A 120 -18.20 5.48 12.55
C SER A 120 -19.04 5.69 11.29
N ALA A 121 -20.34 5.84 11.48
CA ALA A 121 -21.32 6.06 10.38
C ALA A 121 -21.21 7.52 9.90
N ILE A 122 -20.15 7.80 9.17
CA ILE A 122 -19.80 9.13 8.59
C ILE A 122 -19.34 8.88 7.16
N ALA A 123 -20.10 9.38 6.17
CA ALA A 123 -19.74 9.20 4.75
C ALA A 123 -18.48 10.02 4.45
N ALA A 124 -17.62 9.50 3.59
CA ALA A 124 -16.56 10.28 2.93
C ALA A 124 -17.24 11.29 2.02
N LYS A 125 -16.61 12.42 1.76
CA LYS A 125 -17.11 13.44 0.80
C LYS A 125 -16.82 13.00 -0.64
N GLY A 126 -17.65 13.45 -1.58
CA GLY A 126 -17.33 13.36 -3.02
C GLY A 126 -17.90 12.08 -3.60
N HIS A 127 -17.43 11.69 -4.78
CA HIS A 127 -18.05 10.60 -5.56
C HIS A 127 -17.15 9.35 -5.48
N VAL A 128 -17.77 8.18 -5.52
CA VAL A 128 -17.04 6.90 -5.62
C VAL A 128 -16.20 6.95 -6.92
N SER A 129 -14.90 6.64 -6.85
CA SER A 129 -14.00 6.66 -8.04
C SER A 129 -14.40 5.57 -9.03
N LEU A 130 -14.36 5.88 -10.34
CA LEU A 130 -14.47 4.93 -11.49
C LEU A 130 -15.92 4.51 -11.76
N LEU A 131 -16.78 4.32 -10.76
CA LEU A 131 -18.19 3.85 -10.96
C LEU A 131 -19.03 4.84 -11.78
N ARG A 132 -19.79 4.34 -12.76
CA ARG A 132 -20.74 5.16 -13.58
C ARG A 132 -22.14 4.56 -13.52
N PRO A 133 -23.21 5.37 -13.41
CA PRO A 133 -23.08 6.83 -13.29
C PRO A 133 -22.54 7.22 -11.92
N GLN A 134 -22.12 8.48 -11.83
CA GLN A 134 -21.40 9.04 -10.67
C GLN A 134 -22.34 9.06 -9.46
N ARG A 135 -21.85 8.69 -8.28
CA ARG A 135 -22.69 8.73 -7.06
C ARG A 135 -21.77 9.05 -5.90
N ASP A 136 -22.33 9.67 -4.88
CA ASP A 136 -21.64 9.99 -3.62
C ASP A 136 -21.31 8.67 -2.89
N TYR A 137 -20.29 8.72 -2.05
CA TYR A 137 -20.03 7.64 -1.09
C TYR A 137 -21.26 7.51 -0.20
N PRO A 138 -21.56 6.28 0.26
CA PRO A 138 -22.66 6.06 1.17
C PRO A 138 -22.21 6.36 2.59
N THR A 139 -23.17 6.62 3.49
CA THR A 139 -22.90 6.52 4.94
C THR A 139 -22.60 5.05 5.23
N PRO A 140 -21.43 4.74 5.83
CA PRO A 140 -21.06 3.36 6.13
C PRO A 140 -21.73 2.89 7.41
N ARG A 141 -21.64 1.59 7.60
CA ARG A 141 -22.08 0.91 8.83
C ARG A 141 -20.88 0.88 9.79
N ALA A 142 -21.09 1.38 11.00
CA ALA A 142 -20.11 1.36 12.09
C ALA A 142 -19.96 -0.08 12.60
N LEU A 143 -18.74 -0.58 12.71
CA LEU A 143 -18.52 -1.93 13.27
C LEU A 143 -18.85 -1.96 14.77
N SER A 144 -19.40 -3.10 15.24
CA SER A 144 -19.41 -3.43 16.68
C SER A 144 -17.96 -3.64 17.14
N THR A 145 -17.72 -3.56 18.43
CA THR A 145 -16.40 -3.85 19.00
C THR A 145 -15.97 -5.24 18.54
N GLU A 146 -16.84 -6.26 18.66
CA GLU A 146 -16.44 -7.66 18.30
C GLU A 146 -16.15 -7.76 16.79
N GLU A 147 -16.86 -7.01 15.93
CA GLU A 147 -16.59 -7.02 14.47
C GLU A 147 -15.21 -6.42 14.16
N VAL A 148 -14.71 -5.52 14.99
CA VAL A 148 -13.32 -5.00 14.79
C VAL A 148 -12.34 -6.19 14.93
N ALA A 149 -12.56 -7.12 15.87
CA ALA A 149 -11.70 -8.33 16.01
C ALA A 149 -11.82 -9.19 14.74
N GLY A 150 -12.97 -9.14 14.08
CA GLY A 150 -13.23 -9.81 12.79
C GLY A 150 -12.36 -9.25 11.70
N VAL A 151 -12.22 -7.93 11.71
CA VAL A 151 -11.31 -7.23 10.76
C VAL A 151 -9.88 -7.70 11.00
N VAL A 152 -9.41 -7.67 12.24
CA VAL A 152 -8.04 -8.14 12.53
C VAL A 152 -7.86 -9.56 12.02
N GLU A 153 -8.85 -10.43 12.21
CA GLU A 153 -8.75 -11.84 11.76
CA GLU A 153 -8.76 -11.84 11.75
C GLU A 153 -8.64 -11.88 10.22
N ALA A 154 -9.37 -11.04 9.51
CA ALA A 154 -9.31 -10.98 8.02
C ALA A 154 -7.90 -10.54 7.59
N PHE A 155 -7.32 -9.55 8.25
CA PHE A 155 -5.90 -9.14 8.02
C PHE A 155 -4.96 -10.34 8.30
N ARG A 156 -5.16 -11.06 9.40
CA ARG A 156 -4.28 -12.19 9.75
C ARG A 156 -4.33 -13.24 8.64
N GLN A 157 -5.53 -13.57 8.18
CA GLN A 157 -5.72 -14.63 7.17
C GLN A 157 -5.11 -14.12 5.87
N GLY A 158 -5.24 -12.84 5.58
CA GLY A 158 -4.63 -12.25 4.37
C GLY A 158 -3.11 -12.34 4.42
N ALA A 159 -2.54 -12.08 5.58
CA ALA A 159 -1.08 -12.19 5.79
C ALA A 159 -0.65 -13.65 5.63
N GLU A 160 -1.44 -14.60 6.10
CA GLU A 160 -1.19 -16.06 5.95
C GLU A 160 -1.19 -16.44 4.47
N ASN A 161 -2.20 -16.02 3.70
CA ASN A 161 -2.35 -16.38 2.28
C ASN A 161 -1.20 -15.72 1.49
N ALA A 162 -0.84 -14.49 1.79
CA ALA A 162 0.33 -13.87 1.10
C ALA A 162 1.57 -14.74 1.31
N GLN A 163 1.73 -15.27 2.51
CA GLN A 163 2.88 -16.14 2.87
C GLN A 163 2.81 -17.43 2.03
N ALA A 164 1.67 -18.10 1.99
CA ALA A 164 1.45 -19.32 1.16
C ALA A 164 1.68 -18.97 -0.32
N ALA A 165 1.54 -17.70 -0.73
CA ALA A 165 1.67 -17.35 -2.16
C ALA A 165 3.13 -17.05 -2.52
N GLY A 166 4.04 -17.04 -1.54
CA GLY A 166 5.48 -16.95 -1.83
C GLY A 166 6.01 -15.52 -1.77
N PHE A 167 5.29 -14.61 -1.10
CA PHE A 167 5.77 -13.21 -0.92
C PHE A 167 6.97 -13.19 0.02
N ASP A 168 7.76 -12.12 -0.05
CA ASP A 168 8.89 -11.86 0.87
C ASP A 168 8.42 -11.15 2.13
N GLY A 169 7.18 -10.64 2.14
CA GLY A 169 6.55 -9.96 3.28
C GLY A 169 5.24 -9.29 2.92
N VAL A 170 4.65 -8.57 3.87
CA VAL A 170 3.41 -7.81 3.62
C VAL A 170 3.58 -6.38 4.11
N GLN A 171 2.93 -5.45 3.42
CA GLN A 171 2.84 -4.03 3.84
C GLN A 171 1.36 -3.79 4.19
N LEU A 172 1.06 -3.32 5.39
CA LEU A 172 -0.34 -2.92 5.71
CA LEU A 172 -0.32 -2.89 5.76
C LEU A 172 -0.67 -1.60 5.01
N HIS A 173 -1.81 -1.54 4.34
CA HIS A 173 -2.35 -0.29 3.78
C HIS A 173 -2.94 0.50 4.93
N GLY A 174 -2.06 1.25 5.62
CA GLY A 174 -2.48 2.13 6.71
C GLY A 174 -2.69 3.56 6.25
N ALA A 175 -2.92 3.79 4.95
CA ALA A 175 -2.83 5.11 4.29
C ALA A 175 -4.12 5.46 3.52
N ASN A 176 -4.15 6.68 2.98
CA ASN A 176 -5.07 7.19 1.93
C ASN A 176 -6.54 7.03 2.35
N GLY A 177 -6.84 7.15 3.64
CA GLY A 177 -8.24 7.22 4.11
C GLY A 177 -8.91 5.89 3.99
N TYR A 178 -8.16 4.80 3.96
CA TYR A 178 -8.80 3.46 4.00
C TYR A 178 -9.05 3.01 5.44
N LEU A 179 -9.41 1.75 5.68
CA LEU A 179 -10.05 1.41 6.97
C LEU A 179 -9.11 1.69 8.16
N LEU A 180 -7.84 1.31 8.03
CA LEU A 180 -6.91 1.46 9.18
C LEU A 180 -6.73 2.97 9.46
N ASP A 181 -6.66 3.78 8.40
CA ASP A 181 -6.49 5.25 8.49
C ASP A 181 -7.81 5.85 9.02
N GLN A 182 -8.96 5.29 8.65
CA GLN A 182 -10.27 5.79 9.17
C GLN A 182 -10.29 5.66 10.70
N PHE A 183 -9.80 4.51 11.22
CA PHE A 183 -9.70 4.25 12.66
C PHE A 183 -8.68 5.20 13.29
N LEU A 184 -7.56 5.44 12.61
CA LEU A 184 -6.45 6.19 13.19
C LEU A 184 -6.81 7.67 13.45
N GLN A 185 -7.59 8.29 12.58
CA GLN A 185 -7.77 9.75 12.59
C GLN A 185 -9.08 10.14 13.28
N ASP A 186 -9.03 11.21 14.07
CA ASP A 186 -10.20 11.66 14.86
C ASP A 186 -11.26 12.34 13.99
N GLY A 187 -10.98 12.69 12.73
CA GLY A 187 -12.02 13.19 11.82
C GLY A 187 -13.06 12.12 11.53
N SER A 188 -12.60 10.89 11.30
CA SER A 188 -13.40 9.75 10.82
C SER A 188 -13.75 8.81 11.98
N ASN A 189 -12.98 8.83 13.07
CA ASN A 189 -13.24 7.87 14.17
C ASN A 189 -13.84 8.59 15.38
N GLN A 190 -15.12 8.41 15.63
CA GLN A 190 -15.82 9.05 16.79
C GLN A 190 -16.30 7.95 17.74
N ARG A 191 -15.62 6.80 17.71
CA ARG A 191 -16.01 5.65 18.58
C ARG A 191 -15.71 5.99 20.05
N THR A 192 -16.40 5.31 20.98
CA THR A 192 -16.25 5.48 22.43
C THR A 192 -15.82 4.16 23.07
N ASP A 193 -15.46 3.15 22.27
CA ASP A 193 -14.99 1.85 22.82
C ASP A 193 -13.46 1.91 22.83
N GLN A 194 -12.80 0.75 22.93
CA GLN A 194 -11.33 0.71 23.06
C GLN A 194 -10.67 1.10 21.73
N TYR A 195 -11.43 1.32 20.65
CA TYR A 195 -10.88 1.70 19.32
C TYR A 195 -11.08 3.20 19.03
N GLY A 196 -11.64 3.99 19.97
CA GLY A 196 -11.84 5.46 19.82
C GLY A 196 -11.44 6.26 21.05
N GLY A 197 -11.24 7.57 20.87
CA GLY A 197 -11.30 8.57 21.96
C GLY A 197 -9.98 8.85 22.67
N SER A 198 -8.87 8.32 22.19
CA SER A 198 -7.50 8.68 22.57
C SER A 198 -6.65 8.26 21.36
N ILE A 199 -5.49 8.85 21.20
CA ILE A 199 -4.55 8.41 20.13
C ILE A 199 -4.23 6.92 20.32
N GLU A 200 -3.96 6.47 21.53
CA GLU A 200 -3.71 5.03 21.82
C GLU A 200 -4.85 4.16 21.27
N ASN A 201 -6.09 4.50 21.56
CA ASN A 201 -7.24 3.69 21.11
C ASN A 201 -7.41 3.78 19.59
N ARG A 202 -7.18 4.94 18.98
CA ARG A 202 -7.41 5.14 17.52
CA ARG A 202 -7.44 5.11 17.52
C ARG A 202 -6.36 4.36 16.72
N ALA A 203 -5.17 4.23 17.28
CA ALA A 203 -4.05 3.48 16.64
C ALA A 203 -4.22 1.98 16.88
N ARG A 204 -5.11 1.57 17.77
CA ARG A 204 -5.20 0.15 18.19
C ARG A 204 -5.49 -0.78 16.98
N LEU A 205 -6.45 -0.46 16.09
CA LEU A 205 -6.76 -1.38 14.98
C LEU A 205 -5.53 -1.55 14.10
N LEU A 206 -4.90 -0.47 13.65
CA LEU A 206 -3.67 -0.56 12.84
C LEU A 206 -2.63 -1.45 13.56
N LEU A 207 -2.38 -1.20 14.83
CA LEU A 207 -1.34 -1.93 15.57
C LEU A 207 -1.74 -3.38 15.81
N GLU A 208 -3.04 -3.68 16.00
CA GLU A 208 -3.48 -5.09 16.11
C GLU A 208 -3.28 -5.82 14.78
N ALA A 209 -3.63 -5.16 13.67
CA ALA A 209 -3.43 -5.73 12.33
C ALA A 209 -1.94 -5.94 12.11
N ALA A 210 -1.10 -4.97 12.48
CA ALA A 210 0.36 -5.11 12.40
C ALA A 210 0.84 -6.30 13.25
N ASP A 211 0.34 -6.45 14.46
CA ASP A 211 0.75 -7.58 15.34
C ASP A 211 0.32 -8.93 14.74
N ALA A 212 -0.84 -9.01 14.08
CA ALA A 212 -1.33 -10.20 13.35
C ALA A 212 -0.31 -10.53 12.23
N ALA A 213 0.07 -9.53 11.44
CA ALA A 213 1.07 -9.72 10.36
C ALA A 213 2.41 -10.17 10.95
N ILE A 214 2.84 -9.58 12.07
CA ILE A 214 4.11 -9.92 12.74
C ILE A 214 4.06 -11.40 13.20
N SER A 215 2.96 -11.83 13.78
CA SER A 215 2.85 -13.23 14.25
C SER A 215 3.01 -14.20 13.06
N VAL A 216 2.58 -13.83 11.84
CA VAL A 216 2.67 -14.71 10.64
C VAL A 216 4.09 -14.66 10.08
N TRP A 217 4.70 -13.47 10.03
CA TRP A 217 5.84 -13.19 9.14
C TRP A 217 7.13 -12.95 9.89
N GLY A 218 7.03 -12.55 11.17
CA GLY A 218 8.15 -11.92 11.90
C GLY A 218 8.22 -10.43 11.57
N ALA A 219 8.68 -9.61 12.50
CA ALA A 219 8.64 -8.13 12.36
C ALA A 219 9.42 -7.66 11.13
N ASP A 220 10.52 -8.34 10.84
CA ASP A 220 11.44 -8.07 9.69
CA ASP A 220 11.41 -7.94 9.71
C ASP A 220 10.72 -8.13 8.35
N ARG A 221 9.64 -8.88 8.24
CA ARG A 221 8.95 -9.07 6.93
C ARG A 221 7.61 -8.33 6.93
N VAL A 222 7.50 -7.28 7.74
CA VAL A 222 6.28 -6.43 7.81
C VAL A 222 6.67 -4.95 7.59
N GLY A 223 5.93 -4.31 6.71
CA GLY A 223 5.96 -2.84 6.54
C GLY A 223 4.60 -2.26 6.83
N VAL A 224 4.55 -0.95 7.02
CA VAL A 224 3.27 -0.23 7.21
C VAL A 224 3.36 1.05 6.37
N HIS A 225 2.34 1.26 5.55
CA HIS A 225 2.19 2.43 4.66
C HIS A 225 1.27 3.47 5.33
N LEU A 226 1.69 4.72 5.36
CA LEU A 226 1.00 5.86 6.01
C LEU A 226 0.86 7.03 5.03
N ALA A 227 -0.07 7.95 5.31
CA ALA A 227 -0.28 9.22 4.58
C ALA A 227 -0.43 10.37 5.58
N PRO A 228 0.68 10.87 6.15
CA PRO A 228 0.58 11.74 7.31
C PRO A 228 0.03 13.14 7.03
N ARG A 229 -0.11 13.51 5.75
CA ARG A 229 -0.73 14.82 5.38
C ARG A 229 -2.26 14.74 5.31
N ALA A 230 -2.83 13.53 5.34
CA ALA A 230 -4.29 13.29 5.51
C ALA A 230 -5.01 14.01 4.38
N ASP A 231 -4.44 14.01 3.18
CA ASP A 231 -4.98 14.81 2.04
C ASP A 231 -5.72 13.97 1.01
N SER A 232 -6.08 12.72 1.30
CA SER A 232 -6.84 11.87 0.37
C SER A 232 -8.00 11.21 1.11
N HIS A 233 -9.14 11.11 0.47
CA HIS A 233 -10.33 10.34 0.91
C HIS A 233 -10.86 10.89 2.26
N SER A 234 -11.03 12.22 2.34
CA SER A 234 -11.76 12.91 3.45
C SER A 234 -11.17 12.53 4.78
N MET A 235 -9.86 12.58 4.87
CA MET A 235 -9.15 12.35 6.16
CA MET A 235 -9.12 12.36 6.13
C MET A 235 -8.94 13.70 6.88
N GLY A 236 -8.26 13.67 8.01
CA GLY A 236 -8.10 14.86 8.86
C GLY A 236 -8.01 14.44 10.29
N ASP A 237 -7.12 15.08 11.04
CA ASP A 237 -6.95 14.80 12.46
C ASP A 237 -6.53 16.11 13.14
N SER A 238 -6.96 16.28 14.36
CA SER A 238 -6.73 17.54 15.11
C SER A 238 -5.29 17.60 15.61
N ASN A 239 -4.51 16.50 15.51
CA ASN A 239 -3.06 16.56 15.81
C ASN A 239 -2.32 15.48 15.05
N LEU A 240 -2.04 15.75 13.80
CA LEU A 240 -1.42 14.76 12.90
C LEU A 240 -0.03 14.40 13.43
N ALA A 241 0.71 15.37 13.95
CA ALA A 241 2.08 15.16 14.46
C ALA A 241 2.03 14.12 15.59
N ALA A 242 1.14 14.27 16.55
CA ALA A 242 1.02 13.33 17.70
C ALA A 242 0.45 11.99 17.24
N THR A 243 -0.54 11.99 16.35
CA THR A 243 -1.17 10.75 15.86
C THR A 243 -0.12 9.92 15.12
N PHE A 244 0.49 10.47 14.06
CA PHE A 244 1.49 9.74 13.26
C PHE A 244 2.73 9.47 14.11
N GLY A 245 3.15 10.39 14.97
CA GLY A 245 4.31 10.17 15.86
C GLY A 245 4.12 8.93 16.70
N HIS A 246 2.91 8.80 17.25
CA HIS A 246 2.56 7.65 18.12
C HIS A 246 2.70 6.36 17.31
N VAL A 247 2.09 6.30 16.13
CA VAL A 247 2.19 5.11 15.25
C VAL A 247 3.67 4.79 14.96
N ALA A 248 4.47 5.79 14.59
CA ALA A 248 5.87 5.58 14.19
C ALA A 248 6.64 4.98 15.36
N LYS A 249 6.44 5.55 16.53
CA LYS A 249 7.12 5.09 17.77
C LYS A 249 6.66 3.66 18.11
N ALA A 250 5.38 3.36 18.09
CA ALA A 250 4.85 2.00 18.36
C ALA A 250 5.42 0.96 17.37
N LEU A 251 5.49 1.29 16.06
CA LEU A 251 6.01 0.35 15.06
C LEU A 251 7.51 0.16 15.26
N GLY A 252 8.23 1.22 15.64
CA GLY A 252 9.65 1.17 15.98
C GLY A 252 9.89 0.27 17.17
N GLU A 253 9.05 0.30 18.19
CA GLU A 253 9.20 -0.59 19.37
C GLU A 253 9.02 -2.05 18.90
N ARG A 254 8.25 -2.27 17.84
CA ARG A 254 8.04 -3.63 17.28
C ARG A 254 9.18 -4.02 16.33
N LYS A 255 10.06 -3.09 15.95
CA LYS A 255 11.23 -3.35 15.09
C LYS A 255 10.76 -3.93 13.75
N ILE A 256 9.72 -3.36 13.17
CA ILE A 256 9.26 -3.87 11.85
C ILE A 256 10.26 -3.52 10.74
N GLY A 257 10.12 -4.16 9.56
CA GLY A 257 11.05 -3.97 8.43
C GLY A 257 11.12 -2.52 7.99
N PHE A 258 9.98 -1.88 7.80
CA PHE A 258 9.98 -0.48 7.30
C PHE A 258 8.64 0.20 7.55
N VAL A 259 8.70 1.52 7.58
CA VAL A 259 7.54 2.41 7.41
C VAL A 259 7.71 3.11 6.07
N SER A 260 6.67 3.09 5.25
CA SER A 260 6.57 3.89 4.03
C SER A 260 5.52 4.98 4.18
N ALA A 261 5.68 6.09 3.46
CA ALA A 261 4.68 7.16 3.55
C ALA A 261 4.54 7.84 2.20
N ARG A 262 3.31 7.91 1.72
CA ARG A 262 2.92 8.87 0.68
C ARG A 262 2.89 10.26 1.34
N GLU A 263 3.85 11.11 1.04
CA GLU A 263 3.89 12.49 1.56
C GLU A 263 4.94 13.29 0.78
N TYR A 264 4.53 14.12 -0.15
CA TYR A 264 5.46 15.00 -0.91
C TYR A 264 6.21 15.89 0.07
N GLU A 265 7.42 16.26 -0.32
CA GLU A 265 8.33 17.10 0.50
C GLU A 265 7.81 18.53 0.48
N ALA A 266 7.64 19.10 1.66
CA ALA A 266 7.29 20.53 1.84
C ALA A 266 7.73 20.88 3.25
N ALA A 267 7.64 22.17 3.64
CA ALA A 267 8.05 22.64 4.99
C ALA A 267 7.23 21.92 6.04
N ASP A 268 6.00 21.49 5.73
CA ASP A 268 5.09 20.83 6.71
C ASP A 268 5.24 19.28 6.71
N SER A 269 6.24 18.72 6.03
CA SER A 269 6.46 17.25 6.01
C SER A 269 6.67 16.71 7.44
N LEU A 270 5.97 15.65 7.84
CA LEU A 270 6.27 14.94 9.10
C LEU A 270 7.33 13.86 8.88
N GLY A 271 7.59 13.42 7.64
CA GLY A 271 8.54 12.32 7.35
C GLY A 271 9.80 12.34 8.22
N PRO A 272 10.64 13.42 8.23
CA PRO A 272 11.87 13.39 9.00
C PRO A 272 11.63 13.06 10.49
N ASP A 273 10.57 13.64 11.08
CA ASP A 273 10.18 13.37 12.49
C ASP A 273 9.71 11.91 12.62
N LEU A 274 8.91 11.39 11.68
CA LEU A 274 8.45 9.98 11.74
C LEU A 274 9.64 9.02 11.59
N LYS A 275 10.58 9.33 10.71
CA LYS A 275 11.77 8.49 10.51
C LYS A 275 12.51 8.43 11.84
N LYS A 276 12.70 9.58 12.47
CA LYS A 276 13.41 9.64 13.76
C LYS A 276 12.65 8.83 14.82
N ALA A 277 11.34 8.98 14.92
CA ALA A 277 10.55 8.29 15.98
C ALA A 277 10.55 6.77 15.72
N PHE A 278 10.45 6.38 14.46
CA PHE A 278 10.46 4.96 14.04
C PHE A 278 11.81 4.31 14.32
N GLY A 279 12.90 4.96 13.93
CA GLY A 279 14.26 4.49 14.23
C GLY A 279 14.74 3.44 13.24
N GLY A 280 13.92 3.05 12.27
CA GLY A 280 14.31 2.03 11.29
C GLY A 280 14.24 2.61 9.88
N VAL A 281 14.09 1.74 8.91
CA VAL A 281 14.05 2.11 7.48
C VAL A 281 12.77 2.90 7.17
N TYR A 282 12.93 4.04 6.52
CA TYR A 282 11.83 4.95 6.17
C TYR A 282 11.86 5.15 4.66
N ILE A 283 10.80 4.74 4.01
CA ILE A 283 10.66 4.83 2.54
C ILE A 283 9.71 6.00 2.22
N ALA A 284 10.24 7.08 1.66
CA ALA A 284 9.46 8.25 1.29
C ALA A 284 8.89 8.03 -0.10
N ASN A 285 7.96 8.89 -0.48
CA ASN A 285 7.19 8.76 -1.73
C ASN A 285 6.40 10.04 -1.93
N GLU A 286 6.12 10.32 -3.21
CA GLU A 286 5.11 11.28 -3.71
C GLU A 286 5.85 12.47 -4.33
N LYS A 287 5.84 12.54 -5.65
CA LYS A 287 6.40 13.66 -6.43
C LYS A 287 7.93 13.68 -6.34
N PHE A 288 8.58 12.55 -6.08
CA PHE A 288 10.07 12.53 -6.08
C PHE A 288 10.57 12.42 -7.51
N ASP A 289 11.75 12.93 -7.77
CA ASP A 289 12.45 12.69 -9.04
C ASP A 289 13.88 12.28 -8.74
N LEU A 290 14.71 12.11 -9.74
CA LEU A 290 16.06 11.54 -9.52
C LEU A 290 16.81 12.43 -8.53
N ALA A 291 16.87 13.74 -8.79
CA ALA A 291 17.68 14.67 -7.98
C ALA A 291 17.11 14.75 -6.55
N SER A 292 15.79 14.81 -6.39
CA SER A 292 15.20 15.03 -5.05
C SER A 292 15.29 13.73 -4.25
N ALA A 293 15.20 12.57 -4.91
CA ALA A 293 15.40 11.23 -4.29
C ALA A 293 16.83 11.15 -3.75
N ASN A 294 17.81 11.39 -4.62
CA ASN A 294 19.23 11.45 -4.20
C ASN A 294 19.42 12.43 -3.04
N ALA A 295 18.90 13.65 -3.14
CA ALA A 295 19.15 14.66 -2.10
C ALA A 295 18.54 14.22 -0.77
N ALA A 296 17.35 13.62 -0.78
CA ALA A 296 16.65 13.18 0.44
C ALA A 296 17.43 12.06 1.11
N ILE A 297 17.95 11.12 0.34
CA ILE A 297 18.72 9.98 0.90
C ILE A 297 20.06 10.50 1.42
N GLU A 298 20.71 11.40 0.69
CA GLU A 298 22.03 11.94 1.14
CA GLU A 298 22.02 11.98 1.11
C GLU A 298 21.83 12.73 2.44
N ALA A 299 20.68 13.37 2.64
CA ALA A 299 20.43 14.21 3.84
C ALA A 299 19.95 13.38 5.02
N GLY A 300 19.70 12.07 4.85
CA GLY A 300 19.20 11.23 5.95
C GLY A 300 17.74 11.52 6.24
N LYS A 301 16.99 12.07 5.27
CA LYS A 301 15.53 12.34 5.40
C LYS A 301 14.73 11.08 5.05
N ALA A 302 15.31 10.19 4.29
CA ALA A 302 14.69 8.93 3.87
C ALA A 302 15.81 7.92 3.65
N ASP A 303 15.50 6.65 3.76
CA ASP A 303 16.47 5.58 3.43
C ASP A 303 16.27 5.13 1.99
N ALA A 304 15.03 5.13 1.53
CA ALA A 304 14.72 4.71 0.16
C ALA A 304 13.53 5.50 -0.37
N ILE A 305 13.30 5.43 -1.69
CA ILE A 305 12.22 6.25 -2.33
C ILE A 305 11.39 5.34 -3.22
N ALA A 306 10.08 5.36 -3.01
CA ALA A 306 9.10 4.65 -3.85
C ALA A 306 8.58 5.60 -4.92
N PHE A 307 8.47 5.08 -6.14
CA PHE A 307 7.94 5.80 -7.30
C PHE A 307 6.64 5.13 -7.70
N GLY A 308 5.57 5.91 -7.88
CA GLY A 308 4.26 5.41 -8.34
C GLY A 308 4.13 5.57 -9.85
N LYS A 309 3.73 6.73 -10.31
CA LYS A 309 3.38 6.94 -11.74
C LYS A 309 4.59 6.64 -12.65
N ALA A 310 5.82 6.94 -12.22
CA ALA A 310 7.04 6.63 -13.02
C ALA A 310 7.17 5.12 -13.22
N TYR A 311 6.76 4.30 -12.23
CA TYR A 311 6.86 2.84 -12.36
C TYR A 311 5.74 2.28 -13.24
N ILE A 312 4.58 2.95 -13.27
CA ILE A 312 3.54 2.59 -14.26
C ILE A 312 4.19 2.62 -15.65
N ALA A 313 4.78 3.74 -16.01
CA ALA A 313 5.21 4.03 -17.38
C ALA A 313 6.59 3.45 -17.69
N ASN A 314 7.40 3.07 -16.71
CA ASN A 314 8.81 2.73 -16.94
C ASN A 314 9.14 1.42 -16.23
N PRO A 315 9.03 0.26 -16.92
CA PRO A 315 9.36 -1.02 -16.33
C PRO A 315 10.83 -1.05 -15.90
N ASP A 316 11.69 -0.47 -16.74
CA ASP A 316 13.14 -0.38 -16.48
C ASP A 316 13.46 0.94 -15.79
N LEU A 317 12.59 1.42 -14.87
CA LEU A 317 12.87 2.71 -14.19
C LEU A 317 14.28 2.73 -13.59
N VAL A 318 14.74 1.64 -12.95
CA VAL A 318 16.05 1.68 -12.27
C VAL A 318 17.12 2.00 -13.31
N GLU A 319 17.10 1.32 -14.44
CA GLU A 319 18.12 1.52 -15.48
C GLU A 319 18.00 2.96 -16.03
N ARG A 320 16.79 3.48 -16.19
CA ARG A 320 16.59 4.85 -16.72
C ARG A 320 17.15 5.89 -15.76
N LEU A 321 16.90 5.72 -14.44
CA LEU A 321 17.40 6.65 -13.40
C LEU A 321 18.94 6.57 -13.36
N LYS A 322 19.51 5.37 -13.40
CA LYS A 322 20.99 5.18 -13.43
C LYS A 322 21.60 5.91 -14.63
N ALA A 323 20.93 5.87 -15.78
CA ALA A 323 21.40 6.45 -17.05
C ALA A 323 20.98 7.93 -17.21
N GLY A 324 20.16 8.50 -16.31
CA GLY A 324 19.57 9.84 -16.54
C GLY A 324 18.85 9.91 -17.89
N ALA A 325 18.30 8.78 -18.34
CA ALA A 325 17.57 8.66 -19.61
C ALA A 325 16.19 9.31 -19.50
N ALA A 326 15.57 9.60 -20.63
CA ALA A 326 14.18 10.13 -20.66
C ALA A 326 13.24 9.05 -20.10
N LEU A 327 12.22 9.49 -19.41
CA LEU A 327 11.16 8.61 -18.89
C LEU A 327 10.00 8.60 -19.87
N ASN A 328 9.37 7.45 -19.99
CA ASN A 328 8.08 7.34 -20.70
C ASN A 328 7.07 8.20 -19.93
N THR A 329 6.18 8.85 -20.64
CA THR A 329 5.04 9.61 -20.07
C THR A 329 3.94 8.60 -19.71
N PRO A 330 3.48 8.54 -18.46
CA PRO A 330 2.34 7.70 -18.12
C PRO A 330 1.08 8.10 -18.90
N ASP A 331 0.24 7.14 -19.23
CA ASP A 331 -1.09 7.37 -19.86
C ASP A 331 -2.16 7.11 -18.81
N PRO A 332 -2.73 8.17 -18.23
CA PRO A 332 -3.72 8.00 -17.15
C PRO A 332 -4.98 7.25 -17.58
N ALA A 333 -5.28 7.24 -18.89
CA ALA A 333 -6.52 6.61 -19.38
C ALA A 333 -6.43 5.09 -19.24
N THR A 334 -5.23 4.51 -19.03
CA THR A 334 -5.01 3.05 -18.89
C THR A 334 -4.40 2.72 -17.53
N PHE A 335 -4.38 3.64 -16.58
CA PHE A 335 -4.01 3.31 -15.18
C PHE A 335 -4.92 2.18 -14.68
N TYR A 336 -6.22 2.31 -14.92
CA TYR A 336 -7.24 1.41 -14.29
C TYR A 336 -8.02 0.67 -15.37
N GLY A 337 -8.42 -0.56 -15.12
CA GLY A 337 -9.50 -1.14 -15.93
C GLY A 337 -9.10 -2.47 -16.52
N PHE A 338 -9.84 -3.50 -16.15
CA PHE A 338 -9.58 -4.89 -16.57
C PHE A 338 -9.58 -5.01 -18.10
N GLU A 339 -10.53 -4.31 -18.71
N GLU A 339 -10.48 -4.35 -18.80
CA GLU A 339 -10.82 -4.22 -20.17
CA GLU A 339 -10.66 -4.58 -20.27
C GLU A 339 -9.51 -3.93 -20.91
C GLU A 339 -9.54 -3.82 -21.02
N ASN A 340 -8.68 -3.06 -20.34
CA ASN A 340 -7.40 -2.60 -20.95
C ASN A 340 -6.44 -3.78 -21.20
N GLY A 341 -6.45 -4.82 -20.36
CA GLY A 341 -5.45 -5.90 -20.52
C GLY A 341 -4.04 -5.31 -20.56
N PRO A 342 -3.17 -5.74 -21.52
CA PRO A 342 -1.79 -5.28 -21.61
C PRO A 342 -1.65 -3.78 -21.85
N ARG A 343 -2.68 -3.14 -22.40
CA ARG A 343 -2.58 -1.75 -22.90
C ARG A 343 -2.36 -0.79 -21.71
N GLY A 344 -1.27 -0.03 -21.71
CA GLY A 344 -0.91 0.84 -20.58
C GLY A 344 -0.56 0.02 -19.35
N TYR A 345 -0.19 -1.25 -19.52
CA TYR A 345 0.14 -2.14 -18.38
C TYR A 345 1.50 -2.82 -18.62
N THR A 346 1.55 -3.75 -19.57
CA THR A 346 2.75 -4.53 -19.89
C THR A 346 3.36 -4.04 -21.19
N ASP A 347 2.87 -2.96 -21.79
CA ASP A 347 3.31 -2.60 -23.16
C ASP A 347 4.10 -1.29 -23.17
N TYR A 348 4.52 -0.74 -22.03
CA TYR A 348 5.39 0.46 -22.06
C TYR A 348 6.80 0.03 -22.50
N PRO A 349 7.44 0.80 -23.39
CA PRO A 349 8.74 0.41 -23.92
C PRO A 349 9.88 0.47 -22.89
N THR A 350 10.86 -0.41 -23.07
CA THR A 350 12.18 -0.36 -22.39
C THR A 350 13.18 0.33 -23.33
N LEU A 351 14.32 0.75 -22.80
CA LEU A 351 15.44 1.31 -23.62
C LEU A 351 15.93 0.27 -24.65
N ALA A 352 15.79 -1.05 -24.39
CA ALA A 352 16.27 -2.14 -25.31
C ALA A 352 15.59 -2.10 -26.69
N GLN A 353 16.36 -2.33 -27.79
CA GLN A 353 15.85 -2.33 -29.20
C GLN A 353 16.21 -3.62 -29.99
N VAL A 354 17.39 -4.24 -29.79
CA VAL A 354 17.84 -5.41 -30.61
C VAL A 354 18.19 -6.60 -29.71
S SO4 B . 0.95 -19.47 12.35
O1 SO4 B . 1.89 -18.46 12.87
O2 SO4 B . -0.35 -19.23 12.94
O3 SO4 B . 1.37 -20.82 12.71
O4 SO4 B . 0.91 -19.33 10.90
S SO4 C . -13.68 9.03 -11.27
O1 SO4 C . -13.23 10.38 -11.11
O2 SO4 C . -15.00 8.89 -10.71
O3 SO4 C . -12.75 8.17 -10.58
O4 SO4 C . -13.73 8.68 -12.67
C ACT D . -10.03 12.35 -2.46
O ACT D . -9.74 13.40 -1.96
OXT ACT D . -11.23 11.91 -2.51
CH3 ACT D . -8.87 11.55 -3.08
C ACT E . -5.46 -21.51 1.86
O ACT E . -6.42 -20.70 1.79
OXT ACT E . -5.64 -22.74 2.20
CH3 ACT E . -3.98 -21.03 1.44
C ACT F . 25.42 5.19 -11.46
O ACT F . 24.67 6.18 -11.40
OXT ACT F . 26.62 5.25 -11.82
CH3 ACT F . 24.82 3.81 -11.11
C ACT G . -7.09 3.62 -6.58
O ACT G . -8.26 3.92 -6.96
OXT ACT G . -6.06 4.21 -6.97
CH3 ACT G . -6.91 2.48 -5.57
N1 FMN H . -1.29 3.76 -3.00
C2 FMN H . -1.47 2.68 -2.22
O2 FMN H . -1.04 2.66 -1.02
N3 FMN H . -2.09 1.58 -2.68
C4 FMN H . -2.70 1.51 -3.92
O4 FMN H . -3.21 0.43 -4.29
C4A FMN H . -2.50 2.62 -4.80
N5 FMN H . -3.00 2.59 -6.04
C5A FMN H . -2.65 3.63 -6.89
C6 FMN H . -3.03 3.57 -8.24
C7 FMN H . -2.65 4.53 -9.15
C7M FMN H . -3.08 4.40 -10.60
C8 FMN H . -1.90 5.62 -8.72
C8M FMN H . -1.48 6.70 -9.68
C9 FMN H . -1.55 5.71 -7.38
C9A FMN H . -1.88 4.72 -6.46
N10 FMN H . -1.51 4.76 -5.12
C10 FMN H . -1.76 3.73 -4.25
C1' FMN H . -0.64 5.87 -4.68
C2' FMN H . 0.83 5.57 -5.03
O2' FMN H . 1.38 4.46 -4.27
C3' FMN H . 1.72 6.81 -4.76
O3' FMN H . 1.68 7.16 -3.36
C4' FMN H . 1.38 8.04 -5.60
O4' FMN H . 1.27 7.66 -6.97
C5' FMN H . 2.39 9.17 -5.48
O5' FMN H . 3.68 8.74 -5.89
P FMN H . 4.28 9.25 -7.29
O1P FMN H . 4.29 10.80 -7.30
O2P FMN H . 5.66 8.61 -7.39
O3P FMN H . 3.30 8.73 -8.30
S SO4 I . -5.19 4.77 -3.22
O1 SO4 I . -5.75 6.01 -2.70
O2 SO4 I . -6.28 3.91 -3.59
O3 SO4 I . -4.41 5.11 -4.38
O4 SO4 I . -4.40 4.08 -2.19
S SO4 J . 18.40 -8.82 10.75
O1 SO4 J . 19.31 -7.72 10.50
O2 SO4 J . 17.10 -8.35 11.18
O3 SO4 J . 18.98 -9.66 11.78
O4 SO4 J . 18.19 -9.57 9.53
S SO4 K . -17.34 -10.69 3.76
O1 SO4 K . -17.99 -10.55 5.04
O2 SO4 K . -18.16 -10.06 2.77
O3 SO4 K . -16.03 -10.06 3.78
O4 SO4 K . -17.21 -12.09 3.42
S SO4 L . 1.65 -0.10 22.05
O1 SO4 L . 0.83 1.10 22.06
O2 SO4 L . 2.13 -0.36 23.39
O3 SO4 L . 0.88 -1.23 21.58
O4 SO4 L . 2.77 0.11 21.18
S SO4 M . -2.95 -0.25 25.55
O1 SO4 M . -3.81 0.86 25.81
O2 SO4 M . -1.70 -0.07 26.23
O3 SO4 M . -2.70 -0.33 24.14
O4 SO4 M . -3.58 -1.46 26.00
#